data_6AII
#
_entry.id   6AII
#
_cell.length_a   76.779
_cell.length_b   76.779
_cell.length_c   166.050
_cell.angle_alpha   90.00
_cell.angle_beta   90.00
_cell.angle_gamma   90.00
#
_symmetry.space_group_name_H-M   'P 41 21 2'
#
loop_
_entity.id
_entity.type
_entity.pdbx_description
1 polymer Beta-agarase
2 non-polymer 'CALCIUM ION'
3 water water
#
_entity_poly.entity_id   1
_entity_poly.type   'polypeptide(L)'
_entity_poly.pdbx_seq_one_letter_code
;MQAQDWAGIPVPADPGNGKQWKLQADMSDDFNYDFPANKEETYIAGKWKNFWHNSWDGPGPTQWRHENVSVSNGHMNIVA
SRNGNTKTFRNSHDGTYHTLPATQMGCVVSKGHVQYPVFVEARVKIADAVFANNVWMISDDDYEEIDICENYGGLGDPGR
TGTAMNAWFAKHIHLSHHVFNNRHLTNFDDYQPRDEEGVYGTWYYENGRTDWAGEYSTIGVYWKDPNHLEYYINGKWVRT
LSGKNYSYLDPDGKLIEASADFNVLDKYNYTNGKGLTKPMKLIINIEAQDWNALAGRYPTDGEIYGRPEDHIMKVDWIRV
YTPEVVTGHHHHHH
;
_entity_poly.pdbx_strand_id   A
#
# COMPACT_ATOMS: atom_id res chain seq x y z
N MET A 1 29.78 -10.26 -1.03
CA MET A 1 28.29 -10.16 -0.89
C MET A 1 27.64 -10.51 -2.23
N GLN A 2 26.63 -11.36 -2.17
CA GLN A 2 25.90 -11.70 -3.39
C GLN A 2 25.02 -10.49 -3.77
N ALA A 3 24.78 -10.35 -5.08
CA ALA A 3 23.81 -9.34 -5.67
C ALA A 3 22.49 -9.48 -4.90
N GLN A 4 21.81 -8.36 -4.69
CA GLN A 4 20.48 -8.41 -3.98
C GLN A 4 19.43 -8.94 -4.94
N ASP A 5 18.24 -9.22 -4.37
CA ASP A 5 17.21 -9.85 -5.17
C ASP A 5 16.80 -8.97 -6.36
N TRP A 6 16.83 -7.65 -6.21
CA TRP A 6 16.41 -6.73 -7.25
C TRP A 6 17.54 -6.43 -8.24
N ALA A 7 18.70 -7.04 -8.05
CA ALA A 7 19.83 -6.64 -8.92
C ALA A 7 19.49 -7.02 -10.36
N GLY A 8 19.86 -6.14 -11.27
CA GLY A 8 19.55 -6.37 -12.65
C GLY A 8 18.14 -5.94 -13.02
N ILE A 9 17.31 -5.49 -12.05
CA ILE A 9 15.99 -4.97 -12.35
C ILE A 9 16.13 -3.45 -12.31
N PRO A 10 16.01 -2.79 -13.45
CA PRO A 10 16.26 -1.34 -13.48
C PRO A 10 15.20 -0.61 -12.63
N VAL A 11 15.60 0.53 -12.13
CA VAL A 11 14.63 1.44 -11.52
C VAL A 11 13.87 2.06 -12.69
N PRO A 12 12.53 1.94 -12.69
CA PRO A 12 11.85 2.40 -13.85
C PRO A 12 11.66 3.91 -14.00
N ALA A 13 11.84 4.69 -12.93
CA ALA A 13 11.74 6.13 -12.99
C ALA A 13 13.12 6.69 -13.38
N ASP A 14 13.07 7.87 -13.95
CA ASP A 14 14.32 8.51 -14.31
CA ASP A 14 14.24 8.67 -14.39
C ASP A 14 14.70 9.56 -13.24
N PRO A 15 15.98 9.46 -12.78
CA PRO A 15 16.40 10.29 -11.68
C PRO A 15 16.79 11.74 -12.02
N GLY A 16 16.73 12.03 -13.29
CA GLY A 16 17.13 13.33 -13.79
C GLY A 16 18.40 13.27 -14.61
N ASN A 17 18.54 14.31 -15.42
CA ASN A 17 19.69 14.37 -16.31
C ASN A 17 20.96 14.46 -15.49
N GLY A 18 21.90 13.57 -15.82
CA GLY A 18 23.20 13.48 -15.11
C GLY A 18 23.12 13.02 -13.67
N LYS A 19 22.01 12.33 -13.34
CA LYS A 19 21.80 11.72 -12.04
C LYS A 19 21.76 10.20 -12.16
N GLN A 20 21.98 9.55 -11.01
CA GLN A 20 21.91 8.11 -10.88
C GLN A 20 21.16 7.79 -9.57
N TRP A 21 20.63 6.58 -9.44
CA TRP A 21 19.93 6.23 -8.21
C TRP A 21 20.89 5.66 -7.17
N LYS A 22 20.72 6.06 -5.92
CA LYS A 22 21.48 5.52 -4.82
C LYS A 22 20.55 4.83 -3.81
N LEU A 23 20.88 3.56 -3.52
CA LEU A 23 20.02 2.79 -2.58
C LEU A 23 19.99 3.44 -1.21
N GLN A 24 18.79 3.62 -0.64
CA GLN A 24 18.66 4.07 0.73
C GLN A 24 18.66 2.83 1.63
N ALA A 25 19.80 2.54 2.26
CA ALA A 25 19.97 1.25 2.97
C ALA A 25 18.93 1.01 4.10
N ASP A 26 18.52 2.04 4.83
CA ASP A 26 17.74 1.83 6.04
C ASP A 26 16.28 1.51 5.71
N MET A 27 15.95 1.60 4.45
CA MET A 27 14.54 1.38 4.01
C MET A 27 14.49 0.30 2.92
N SER A 28 15.56 -0.49 2.73
CA SER A 28 15.67 -1.47 1.70
C SER A 28 16.01 -2.83 2.31
N ASP A 29 15.37 -3.92 1.83
CA ASP A 29 15.54 -5.24 2.42
C ASP A 29 15.03 -6.27 1.44
N ASP A 30 15.81 -7.36 1.16
CA ASP A 30 15.27 -8.45 0.34
C ASP A 30 14.87 -9.71 1.12
N PHE A 31 14.82 -9.59 2.47
CA PHE A 31 14.11 -10.56 3.32
C PHE A 31 14.57 -12.02 3.14
N ASN A 32 15.88 -12.20 3.06
CA ASN A 32 16.42 -13.55 2.79
C ASN A 32 17.03 -14.12 4.08
N TYR A 33 16.46 -13.73 5.20
CA TYR A 33 16.84 -14.22 6.52
C TYR A 33 15.58 -14.77 7.20
N ASP A 34 15.80 -15.51 8.30
CA ASP A 34 14.70 -16.10 9.09
C ASP A 34 14.40 -15.14 10.24
N PHE A 35 13.10 -14.79 10.36
CA PHE A 35 12.57 -14.11 11.54
C PHE A 35 11.31 -14.84 11.93
N PRO A 36 11.40 -15.75 12.93
CA PRO A 36 10.20 -16.43 13.31
C PRO A 36 9.16 -15.50 13.93
N ALA A 37 7.91 -15.88 13.70
CA ALA A 37 6.78 -15.10 14.29
C ALA A 37 7.06 -14.87 15.78
N ASN A 38 6.85 -13.65 16.25
CA ASN A 38 7.22 -13.24 17.57
C ASN A 38 6.06 -12.47 18.19
N LYS A 39 5.67 -12.85 19.42
CA LYS A 39 4.57 -12.14 20.08
C LYS A 39 4.95 -10.77 20.63
N GLU A 40 6.24 -10.44 20.66
CA GLU A 40 6.66 -9.21 21.22
C GLU A 40 7.05 -8.21 20.14
N GLU A 41 6.86 -6.95 20.46
CA GLU A 41 7.20 -5.86 19.58
C GLU A 41 8.70 -5.95 19.23
N THR A 42 9.03 -5.88 17.96
CA THR A 42 10.40 -6.08 17.52
C THR A 42 10.58 -5.26 16.25
N TYR A 43 11.70 -4.56 16.11
CA TYR A 43 12.12 -4.05 14.79
C TYR A 43 12.92 -5.13 14.07
N ILE A 44 12.27 -5.77 13.09
CA ILE A 44 12.87 -6.85 12.32
C ILE A 44 14.01 -6.25 11.51
N ALA A 45 15.19 -6.85 11.68
CA ALA A 45 16.42 -6.44 11.03
C ALA A 45 16.81 -5.01 11.39
N GLY A 46 16.26 -4.50 12.49
CA GLY A 46 16.43 -3.13 12.86
C GLY A 46 15.66 -2.14 12.00
N LYS A 47 14.76 -2.63 11.12
CA LYS A 47 14.13 -1.77 10.13
C LYS A 47 12.59 -1.79 10.11
N TRP A 48 11.98 -2.89 10.48
CA TRP A 48 10.54 -3.11 10.20
C TRP A 48 9.85 -3.51 11.52
N LYS A 49 9.02 -2.60 12.06
CA LYS A 49 8.30 -2.93 13.26
C LYS A 49 7.20 -3.93 12.94
N ASN A 50 7.09 -4.98 13.73
CA ASN A 50 6.05 -6.01 13.58
C ASN A 50 4.69 -5.60 14.13
N PHE A 51 4.35 -4.34 14.04
CA PHE A 51 3.06 -3.90 14.42
C PHE A 51 2.76 -2.55 13.79
N TRP A 52 1.53 -2.05 14.04
CA TRP A 52 1.12 -0.69 13.80
C TRP A 52 1.94 0.27 14.68
N HIS A 53 1.84 1.57 14.41
CA HIS A 53 2.72 2.52 15.07
C HIS A 53 2.21 2.86 16.49
N ASN A 54 1.09 2.31 16.95
CA ASN A 54 0.66 2.38 18.37
C ASN A 54 -0.12 1.10 18.70
N SER A 55 -0.83 1.04 19.85
CA SER A 55 -1.34 -0.22 20.29
C SER A 55 -2.70 -0.54 19.62
N TRP A 56 -3.28 0.39 18.87
CA TRP A 56 -4.55 0.10 18.15
C TRP A 56 -4.38 -1.14 17.27
N ASP A 57 -5.35 -2.05 17.30
CA ASP A 57 -5.17 -3.34 16.60
C ASP A 57 -5.99 -3.39 15.30
N GLY A 58 -6.53 -2.29 14.84
CA GLY A 58 -6.91 -2.19 13.46
C GLY A 58 -8.39 -1.97 13.25
N PRO A 59 -8.76 -1.81 11.98
CA PRO A 59 -10.11 -1.38 11.57
C PRO A 59 -11.03 -2.57 11.44
N GLY A 60 -12.36 -2.35 11.56
CA GLY A 60 -13.21 -3.47 11.29
C GLY A 60 -12.92 -4.60 12.28
N PRO A 61 -13.14 -5.81 11.83
CA PRO A 61 -12.88 -7.02 12.64
C PRO A 61 -11.42 -7.49 12.56
N THR A 62 -10.58 -6.63 12.01
CA THR A 62 -9.13 -6.86 12.05
C THR A 62 -8.62 -6.90 13.50
N GLN A 63 -7.72 -7.86 13.80
CA GLN A 63 -6.95 -7.88 15.01
C GLN A 63 -5.46 -8.06 14.68
N TRP A 64 -4.78 -6.94 14.52
CA TRP A 64 -3.33 -6.98 14.25
C TRP A 64 -2.66 -7.62 15.45
N ARG A 65 -1.74 -8.54 15.19
CA ARG A 65 -1.03 -9.23 16.23
C ARG A 65 0.43 -9.25 15.82
N HIS A 66 1.31 -9.06 16.79
CA HIS A 66 2.74 -9.11 16.50
C HIS A 66 3.10 -10.46 15.85
N GLU A 67 2.52 -11.57 16.30
CA GLU A 67 2.91 -12.89 15.86
C GLU A 67 2.35 -13.25 14.47
N ASN A 68 1.69 -12.30 13.80
CA ASN A 68 1.16 -12.52 12.45
C ASN A 68 2.10 -11.87 11.41
N VAL A 69 3.33 -11.55 11.82
CA VAL A 69 4.38 -11.12 10.88
C VAL A 69 5.58 -12.05 11.08
N SER A 70 6.15 -12.53 9.98
CA SER A 70 7.41 -13.34 10.08
C SER A 70 8.19 -13.09 8.79
N VAL A 71 9.39 -13.63 8.77
CA VAL A 71 10.21 -13.63 7.54
C VAL A 71 10.75 -15.03 7.36
N SER A 72 10.50 -15.58 6.19
CA SER A 72 10.92 -16.97 5.88
C SER A 72 10.84 -17.17 4.37
N ASN A 73 11.66 -18.10 3.88
CA ASN A 73 11.50 -18.60 2.54
C ASN A 73 11.72 -17.50 1.47
N GLY A 74 12.42 -16.46 1.81
CA GLY A 74 12.79 -15.36 0.90
C GLY A 74 11.86 -14.16 0.95
N HIS A 75 10.87 -14.20 1.85
CA HIS A 75 9.92 -13.05 1.91
C HIS A 75 9.44 -12.82 3.34
N MET A 76 9.04 -11.57 3.55
CA MET A 76 8.28 -11.21 4.74
C MET A 76 6.87 -11.78 4.54
N ASN A 77 6.29 -12.33 5.57
CA ASN A 77 4.96 -12.94 5.57
C ASN A 77 4.06 -12.07 6.46
N ILE A 78 2.96 -11.61 5.91
CA ILE A 78 1.94 -10.84 6.64
C ILE A 78 0.69 -11.71 6.63
N VAL A 79 0.41 -12.34 7.79
CA VAL A 79 -0.46 -13.49 7.86
C VAL A 79 -1.87 -13.15 8.36
N ALA A 80 -2.87 -13.68 7.69
CA ALA A 80 -4.26 -13.72 8.19
C ALA A 80 -4.52 -15.10 8.79
N SER A 81 -5.11 -15.11 9.99
CA SER A 81 -5.47 -16.35 10.65
C SER A 81 -6.71 -16.11 11.53
N ARG A 82 -7.26 -17.18 12.05
CA ARG A 82 -8.55 -17.04 12.78
C ARG A 82 -8.57 -17.99 13.97
N ASN A 83 -8.61 -17.40 15.13
CA ASN A 83 -8.66 -18.23 16.40
C ASN A 83 -10.11 -18.42 16.86
N GLY A 84 -11.11 -17.80 16.23
CA GLY A 84 -12.47 -17.95 16.67
C GLY A 84 -12.97 -16.83 17.57
N ASN A 85 -12.12 -15.99 18.09
CA ASN A 85 -12.54 -14.86 18.92
C ASN A 85 -13.31 -13.85 18.07
N THR A 86 -14.31 -13.18 18.67
CA THR A 86 -15.07 -12.14 17.98
C THR A 86 -14.43 -10.81 18.24
N LYS A 87 -14.66 -9.87 17.30
CA LYS A 87 -14.40 -8.51 17.52
C LYS A 87 -15.60 -7.63 17.12
N THR A 88 -15.86 -6.64 17.99
CA THR A 88 -16.93 -5.67 17.83
C THR A 88 -16.35 -4.36 17.32
N PHE A 89 -16.87 -3.80 16.24
CA PHE A 89 -16.29 -2.66 15.58
C PHE A 89 -17.34 -1.70 15.06
N ARG A 90 -16.95 -0.47 14.81
CA ARG A 90 -17.89 0.58 14.39
C ARG A 90 -17.96 0.58 12.86
N ASN A 91 -19.16 0.63 12.34
CA ASN A 91 -19.39 0.94 10.91
C ASN A 91 -19.11 2.44 10.67
N SER A 92 -18.01 2.75 10.03
CA SER A 92 -17.58 4.15 9.87
C SER A 92 -18.64 4.98 9.10
N HIS A 93 -19.55 4.35 8.37
CA HIS A 93 -20.47 5.11 7.54
C HIS A 93 -21.66 5.60 8.39
N ASP A 94 -21.92 5.02 9.58
CA ASP A 94 -23.09 5.50 10.34
C ASP A 94 -22.91 5.43 11.85
N GLY A 95 -21.76 5.02 12.35
CA GLY A 95 -21.48 5.14 13.76
C GLY A 95 -21.97 3.95 14.58
N THR A 96 -22.57 2.91 14.01
CA THR A 96 -23.07 1.79 14.80
C THR A 96 -22.07 0.63 14.91
N TYR A 97 -22.14 -0.08 16.02
CA TYR A 97 -21.29 -1.24 16.28
C TYR A 97 -21.92 -2.53 15.79
N HIS A 98 -21.05 -3.40 15.28
CA HIS A 98 -21.34 -4.73 14.79
C HIS A 98 -20.28 -5.72 15.27
N THR A 99 -20.67 -6.98 15.35
CA THR A 99 -19.77 -8.00 15.83
C THR A 99 -19.61 -9.04 14.73
N LEU A 100 -18.35 -9.47 14.50
CA LEU A 100 -18.05 -10.56 13.63
C LEU A 100 -16.94 -11.41 14.25
N PRO A 101 -16.81 -12.66 13.77
CA PRO A 101 -15.55 -13.41 14.02
C PRO A 101 -14.39 -12.51 13.54
N ALA A 102 -13.38 -12.38 14.37
CA ALA A 102 -12.23 -11.58 14.01
C ALA A 102 -11.31 -12.34 13.05
N THR A 103 -10.44 -11.56 12.43
CA THR A 103 -9.30 -12.17 11.71
C THR A 103 -8.03 -11.57 12.27
N GLN A 104 -7.12 -12.38 12.81
CA GLN A 104 -5.87 -11.92 13.27
C GLN A 104 -4.95 -11.67 12.07
N MET A 105 -4.30 -10.54 12.09
CA MET A 105 -3.64 -10.06 10.86
C MET A 105 -2.35 -9.38 11.21
N GLY A 106 -1.54 -9.03 10.22
CA GLY A 106 -0.29 -8.36 10.49
C GLY A 106 -0.20 -6.98 9.91
N CYS A 107 0.69 -6.18 10.50
CA CYS A 107 0.92 -4.83 10.12
C CYS A 107 2.40 -4.51 10.38
N VAL A 108 3.07 -3.90 9.40
CA VAL A 108 4.47 -3.58 9.52
C VAL A 108 4.70 -2.10 9.29
N VAL A 109 5.54 -1.41 10.13
CA VAL A 109 5.80 -0.01 9.95
C VAL A 109 7.32 0.22 9.98
N SER A 110 7.84 0.96 9.05
CA SER A 110 9.29 1.17 9.02
C SER A 110 9.76 2.02 10.21
N LYS A 111 10.98 1.75 10.62
CA LYS A 111 11.69 2.66 11.52
C LYS A 111 12.06 3.95 10.80
N GLY A 112 12.56 3.84 9.58
CA GLY A 112 13.02 4.97 8.84
C GLY A 112 11.93 5.73 8.11
N HIS A 113 12.36 6.84 7.51
CA HIS A 113 11.54 7.69 6.73
C HIS A 113 12.08 7.87 5.31
N VAL A 114 11.18 8.24 4.41
CA VAL A 114 11.57 8.77 3.12
C VAL A 114 11.00 10.17 2.93
N GLN A 115 11.65 10.92 2.06
CA GLN A 115 11.21 12.24 1.63
C GLN A 115 11.63 12.48 0.20
N TYR A 116 10.87 13.28 -0.52
CA TYR A 116 11.16 13.57 -1.90
C TYR A 116 12.57 14.18 -1.98
N PRO A 117 13.24 14.03 -3.09
CA PRO A 117 13.02 13.12 -4.22
C PRO A 117 13.36 11.68 -3.81
N VAL A 118 12.41 10.75 -4.01
CA VAL A 118 12.66 9.37 -3.61
C VAL A 118 11.78 8.41 -4.42
N PHE A 119 12.34 7.27 -4.73
CA PHE A 119 11.62 6.19 -5.43
C PHE A 119 11.46 5.04 -4.43
N VAL A 120 10.22 4.55 -4.21
CA VAL A 120 9.96 3.49 -3.26
C VAL A 120 9.23 2.35 -4.02
N GLU A 121 9.69 1.15 -3.89
CA GLU A 121 9.06 0.04 -4.65
C GLU A 121 9.10 -1.23 -3.83
N ALA A 122 8.01 -2.02 -3.91
CA ALA A 122 8.00 -3.30 -3.26
C ALA A 122 7.62 -4.37 -4.30
N ARG A 123 8.12 -5.60 -4.09
CA ARG A 123 7.74 -6.75 -4.83
C ARG A 123 6.93 -7.62 -3.90
N VAL A 124 5.66 -7.74 -4.23
CA VAL A 124 4.73 -8.36 -3.31
C VAL A 124 4.01 -9.49 -4.04
N LYS A 125 3.57 -10.47 -3.25
CA LYS A 125 2.60 -11.43 -3.74
C LYS A 125 1.32 -11.24 -2.92
N ILE A 126 0.41 -10.55 -3.54
CA ILE A 126 -0.91 -10.25 -2.92
C ILE A 126 -1.59 -11.57 -2.55
N ALA A 127 -2.17 -11.62 -1.35
CA ALA A 127 -2.85 -12.82 -0.86
C ALA A 127 -4.02 -13.19 -1.79
N ASP A 128 -4.11 -14.52 -2.04
CA ASP A 128 -5.25 -15.01 -2.79
C ASP A 128 -6.38 -15.29 -1.82
N ALA A 129 -6.90 -14.20 -1.29
CA ALA A 129 -7.85 -14.21 -0.16
C ALA A 129 -8.62 -12.90 -0.19
N VAL A 130 -9.77 -12.87 0.46
CA VAL A 130 -10.65 -11.70 0.41
C VAL A 130 -10.31 -10.75 1.57
N PHE A 131 -9.27 -9.92 1.37
CA PHE A 131 -8.94 -8.88 2.34
C PHE A 131 -8.02 -7.87 1.67
N ALA A 132 -7.83 -6.74 2.32
CA ALA A 132 -7.01 -5.64 1.79
C ALA A 132 -5.53 -5.95 1.98
N ASN A 133 -4.75 -5.70 0.91
CA ASN A 133 -3.32 -5.85 0.87
C ASN A 133 -2.78 -4.45 0.53
N ASN A 134 -2.09 -3.79 1.48
CA ASN A 134 -1.81 -2.37 1.37
C ASN A 134 -0.30 -2.08 1.49
N VAL A 135 0.16 -1.16 0.68
CA VAL A 135 1.51 -0.59 0.73
C VAL A 135 1.32 0.93 0.65
N TRP A 136 1.72 1.64 1.72
CA TRP A 136 1.41 3.05 1.76
C TRP A 136 2.38 3.76 2.68
N MET A 137 2.33 5.08 2.65
CA MET A 137 3.30 5.86 3.41
C MET A 137 2.56 7.00 4.11
N ILE A 138 3.02 7.38 5.30
CA ILE A 138 2.31 8.50 5.99
C ILE A 138 3.30 9.26 6.88
N SER A 139 3.05 10.57 6.91
CA SER A 139 3.85 11.46 7.79
C SER A 139 3.56 11.20 9.26
N ASP A 140 4.52 11.57 10.12
CA ASP A 140 4.40 11.28 11.52
C ASP A 140 3.18 11.96 12.14
N ASP A 141 2.75 13.06 11.59
CA ASP A 141 1.58 13.80 12.12
C ASP A 141 0.28 13.38 11.44
N ASP A 142 0.35 12.36 10.55
CA ASP A 142 -0.86 11.84 9.91
C ASP A 142 -1.51 12.84 8.95
N TYR A 143 -0.83 13.89 8.54
CA TYR A 143 -1.42 14.89 7.69
C TYR A 143 -1.20 14.61 6.20
N GLU A 144 -0.13 13.84 5.85
CA GLU A 144 0.22 13.68 4.44
C GLU A 144 0.54 12.19 4.20
N GLU A 145 -0.06 11.63 3.17
CA GLU A 145 -0.02 10.17 2.92
C GLU A 145 0.12 9.92 1.41
N ILE A 146 0.86 8.86 1.04
CA ILE A 146 0.89 8.40 -0.33
C ILE A 146 0.53 6.91 -0.37
N ASP A 147 -0.41 6.54 -1.23
CA ASP A 147 -0.85 5.13 -1.31
C ASP A 147 -0.27 4.52 -2.60
N ILE A 148 0.74 3.62 -2.34
CA ILE A 148 1.44 2.93 -3.36
C ILE A 148 0.51 1.86 -3.97
N CYS A 149 -0.17 1.15 -3.09
CA CYS A 149 -1.05 0.04 -3.53
C CYS A 149 -2.12 -0.17 -2.45
N GLU A 150 -3.40 -0.09 -2.82
CA GLU A 150 -4.46 -0.65 -2.03
C GLU A 150 -5.18 -1.62 -2.96
N ASN A 151 -5.20 -2.87 -2.56
CA ASN A 151 -5.75 -3.93 -3.38
C ASN A 151 -6.50 -4.89 -2.48
N TYR A 152 -7.49 -5.55 -3.02
CA TYR A 152 -8.39 -6.32 -2.21
C TYR A 152 -8.32 -7.82 -2.43
N GLY A 153 -7.24 -8.35 -2.96
CA GLY A 153 -6.94 -9.77 -2.88
C GLY A 153 -7.59 -10.57 -4.01
N GLY A 154 -8.09 -11.73 -3.62
CA GLY A 154 -8.56 -12.72 -4.56
C GLY A 154 -10.07 -12.82 -4.63
N LEU A 155 -10.56 -13.85 -5.33
CA LEU A 155 -11.99 -13.95 -5.54
C LEU A 155 -12.69 -14.84 -4.50
N GLY A 156 -11.95 -15.61 -3.74
CA GLY A 156 -12.44 -16.48 -2.74
C GLY A 156 -12.84 -17.83 -3.32
N ASP A 157 -13.35 -18.66 -2.45
CA ASP A 157 -13.89 -19.98 -2.84
C ASP A 157 -15.28 -19.77 -3.46
N PRO A 158 -15.75 -20.82 -4.19
CA PRO A 158 -17.06 -20.72 -4.81
C PRO A 158 -18.13 -20.47 -3.74
N GLY A 159 -19.22 -19.86 -4.17
CA GLY A 159 -20.39 -19.73 -3.30
C GLY A 159 -20.69 -18.30 -2.91
N ARG A 160 -19.83 -17.34 -3.30
CA ARG A 160 -20.12 -15.98 -2.93
C ARG A 160 -21.14 -15.39 -3.88
N THR A 161 -22.12 -14.69 -3.32
CA THR A 161 -23.13 -14.01 -4.09
C THR A 161 -23.36 -12.61 -3.55
N GLY A 162 -24.05 -11.81 -4.34
CA GLY A 162 -24.41 -10.44 -3.95
C GLY A 162 -23.21 -9.59 -3.58
N THR A 163 -23.30 -8.93 -2.44
CA THR A 163 -22.25 -7.98 -2.02
C THR A 163 -20.98 -8.71 -1.58
N ALA A 164 -21.09 -9.98 -1.37
CA ALA A 164 -19.91 -10.79 -0.91
C ALA A 164 -18.99 -11.10 -2.09
N MET A 165 -19.47 -10.86 -3.33
CA MET A 165 -18.59 -11.10 -4.47
C MET A 165 -17.48 -10.05 -4.44
N ASN A 166 -16.26 -10.54 -4.72
CA ASN A 166 -15.11 -9.61 -4.66
C ASN A 166 -14.53 -9.24 -6.04
N ALA A 167 -15.15 -9.63 -7.14
CA ALA A 167 -14.57 -9.40 -8.49
C ALA A 167 -14.24 -7.96 -8.77
N TRP A 168 -15.11 -6.97 -8.50
CA TRP A 168 -14.75 -5.56 -8.82
C TRP A 168 -13.51 -5.16 -8.05
N PHE A 169 -13.46 -5.49 -6.76
CA PHE A 169 -12.45 -5.06 -5.92
C PHE A 169 -11.14 -5.75 -6.32
N ALA A 170 -11.18 -7.04 -6.65
CA ALA A 170 -9.93 -7.78 -6.81
C ALA A 170 -9.19 -7.28 -8.05
N LYS A 171 -9.85 -6.74 -9.03
CA LYS A 171 -9.15 -6.46 -10.26
C LYS A 171 -8.35 -5.14 -10.19
N HIS A 172 -8.61 -4.33 -9.17
CA HIS A 172 -8.06 -2.99 -9.10
C HIS A 172 -6.82 -2.92 -8.20
N ILE A 173 -6.04 -1.90 -8.51
CA ILE A 173 -5.01 -1.36 -7.57
C ILE A 173 -5.35 0.13 -7.43
N HIS A 174 -5.59 0.57 -6.21
CA HIS A 174 -5.81 1.97 -5.93
C HIS A 174 -4.49 2.74 -5.89
N LEU A 175 -4.34 3.79 -6.73
CA LEU A 175 -3.12 4.61 -6.81
C LEU A 175 -3.56 6.01 -6.38
N SER A 176 -3.12 6.42 -5.22
CA SER A 176 -3.69 7.64 -4.66
C SER A 176 -2.77 8.24 -3.61
N HIS A 177 -3.24 9.28 -2.95
CA HIS A 177 -2.57 9.93 -1.83
C HIS A 177 -3.62 10.76 -1.10
N HIS A 178 -3.30 11.23 0.12
CA HIS A 178 -4.27 12.05 0.90
C HIS A 178 -3.52 13.22 1.52
N VAL A 179 -4.19 14.36 1.53
CA VAL A 179 -3.78 15.41 2.45
CA VAL A 179 -3.82 15.51 2.36
C VAL A 179 -5.00 15.78 3.29
N PHE A 180 -4.73 15.85 4.60
CA PHE A 180 -5.72 16.08 5.57
C PHE A 180 -5.66 17.53 6.07
N ASN A 181 -6.71 17.91 6.78
CA ASN A 181 -6.77 19.26 7.34
C ASN A 181 -7.58 19.20 8.64
N ASN A 182 -7.14 19.94 9.65
CA ASN A 182 -7.93 20.08 10.89
C ASN A 182 -8.18 18.74 11.58
N ARG A 183 -7.12 17.93 11.75
CA ARG A 183 -7.30 16.61 12.41
C ARG A 183 -7.61 16.78 13.92
N HIS A 184 -7.44 17.99 14.48
CA HIS A 184 -7.91 18.27 15.85
C HIS A 184 -9.46 18.23 15.90
N LEU A 185 -10.16 18.59 14.82
CA LEU A 185 -11.64 18.42 14.76
C LEU A 185 -12.00 16.94 14.58
N THR A 186 -13.25 16.59 14.94
CA THR A 186 -13.85 15.27 14.67
C THR A 186 -14.13 15.11 13.17
N ASN A 187 -14.70 16.18 12.61
CA ASN A 187 -14.99 16.33 11.16
C ASN A 187 -13.79 16.97 10.45
N PHE A 188 -12.64 16.29 10.49
CA PHE A 188 -11.44 16.74 9.78
C PHE A 188 -11.66 16.57 8.27
N ASP A 189 -10.87 17.25 7.45
CA ASP A 189 -11.02 17.16 6.06
C ASP A 189 -10.02 16.13 5.53
N ASP A 190 -10.41 15.48 4.45
CA ASP A 190 -9.52 14.53 3.74
C ASP A 190 -9.65 14.74 2.23
N TYR A 191 -8.63 15.27 1.56
CA TYR A 191 -8.62 15.33 0.12
C TYR A 191 -7.81 14.14 -0.42
N GLN A 192 -8.43 13.39 -1.33
CA GLN A 192 -7.67 12.52 -2.20
C GLN A 192 -8.22 12.66 -3.60
N PRO A 193 -7.36 12.51 -4.58
CA PRO A 193 -7.87 12.46 -5.96
C PRO A 193 -8.84 11.29 -6.09
N ARG A 194 -9.98 11.56 -6.76
CA ARG A 194 -11.01 10.57 -7.00
C ARG A 194 -12.00 11.19 -7.99
N ASP A 195 -12.85 10.36 -8.51
CA ASP A 195 -13.80 10.80 -9.57
C ASP A 195 -14.61 12.02 -9.10
N GLU A 196 -15.08 11.97 -7.86
CA GLU A 196 -15.96 12.99 -7.27
C GLU A 196 -15.20 14.29 -7.09
N GLU A 197 -13.86 14.27 -7.11
CA GLU A 197 -13.07 15.49 -7.04
C GLU A 197 -12.58 15.92 -8.44
N GLY A 198 -12.92 15.17 -9.48
CA GLY A 198 -12.53 15.50 -10.81
C GLY A 198 -11.13 15.07 -11.18
N VAL A 199 -10.63 14.01 -10.53
CA VAL A 199 -9.35 13.46 -10.89
C VAL A 199 -9.53 11.94 -11.12
N TYR A 200 -9.47 11.53 -12.38
CA TYR A 200 -9.89 10.23 -12.87
C TYR A 200 -8.73 9.20 -12.89
N GLY A 201 -9.11 7.93 -12.94
CA GLY A 201 -8.16 6.86 -13.18
C GLY A 201 -7.52 6.33 -11.90
N THR A 202 -7.92 6.79 -10.71
CA THR A 202 -7.23 6.39 -9.47
C THR A 202 -7.42 4.90 -9.17
N TRP A 203 -8.44 4.22 -9.69
CA TRP A 203 -8.58 2.81 -9.43
C TRP A 203 -8.11 2.08 -10.70
N TYR A 204 -6.83 1.78 -10.68
CA TYR A 204 -6.15 1.15 -11.85
C TYR A 204 -6.65 -0.28 -12.05
N TYR A 205 -6.92 -0.64 -13.32
CA TYR A 205 -7.15 -2.06 -13.66
C TYR A 205 -6.84 -2.22 -15.16
N GLU A 206 -6.73 -3.46 -15.58
CA GLU A 206 -6.42 -3.84 -16.98
C GLU A 206 -7.50 -4.79 -17.46
N ASN A 207 -8.09 -4.46 -18.62
CA ASN A 207 -9.03 -5.36 -19.24
C ASN A 207 -8.44 -6.78 -19.35
N GLY A 208 -9.17 -7.77 -18.85
CA GLY A 208 -8.79 -9.15 -18.88
C GLY A 208 -8.19 -9.69 -17.61
N ARG A 209 -7.59 -8.79 -16.79
CA ARG A 209 -6.91 -9.29 -15.57
C ARG A 209 -7.90 -9.25 -14.40
N THR A 210 -8.17 -10.42 -13.88
CA THR A 210 -9.19 -10.53 -12.84
C THR A 210 -8.67 -10.19 -11.42
N ASP A 211 -7.40 -10.38 -11.17
CA ASP A 211 -6.88 -10.14 -9.85
C ASP A 211 -5.35 -10.07 -9.95
N TRP A 212 -4.71 -9.74 -8.83
CA TRP A 212 -3.27 -9.55 -8.75
C TRP A 212 -2.65 -10.60 -7.81
N ALA A 213 -3.38 -11.67 -7.53
CA ALA A 213 -3.01 -12.54 -6.45
C ALA A 213 -2.29 -13.81 -6.87
N GLY A 214 -2.01 -14.04 -8.13
CA GLY A 214 -1.42 -15.36 -8.49
C GLY A 214 0.07 -15.39 -8.74
N GLU A 215 0.74 -14.25 -8.59
CA GLU A 215 2.14 -14.10 -8.93
C GLU A 215 2.67 -12.88 -8.18
N TYR A 216 3.97 -12.66 -8.21
CA TYR A 216 4.51 -11.42 -7.65
C TYR A 216 4.24 -10.24 -8.58
N SER A 217 3.99 -9.09 -8.00
CA SER A 217 3.86 -7.81 -8.66
C SER A 217 4.91 -6.87 -8.06
N THR A 218 5.41 -5.94 -8.83
CA THR A 218 6.13 -4.80 -8.31
C THR A 218 5.29 -3.55 -8.39
N ILE A 219 5.19 -2.79 -7.31
CA ILE A 219 4.47 -1.52 -7.31
C ILE A 219 5.37 -0.49 -6.64
N GLY A 220 5.50 0.63 -7.32
CA GLY A 220 6.35 1.68 -6.79
C GLY A 220 5.89 3.07 -7.12
N VAL A 221 6.44 4.03 -6.36
CA VAL A 221 6.12 5.47 -6.60
C VAL A 221 7.42 6.25 -6.64
N TYR A 222 7.48 7.20 -7.57
CA TYR A 222 8.51 8.22 -7.56
C TYR A 222 7.84 9.49 -7.00
N TRP A 223 8.21 9.83 -5.79
CA TRP A 223 7.82 11.06 -5.18
C TRP A 223 8.93 12.09 -5.51
N LYS A 224 8.74 12.75 -6.60
CA LYS A 224 9.81 13.50 -7.26
C LYS A 224 10.00 14.88 -6.60
N ASP A 225 8.88 15.52 -6.32
CA ASP A 225 8.87 16.85 -5.70
C ASP A 225 7.50 17.02 -5.07
N PRO A 226 7.28 18.12 -4.34
CA PRO A 226 6.05 18.22 -3.59
C PRO A 226 4.80 18.27 -4.46
N ASN A 227 4.91 18.51 -5.75
CA ASN A 227 3.76 18.52 -6.63
C ASN A 227 3.92 17.50 -7.76
N HIS A 228 4.58 16.37 -7.51
CA HIS A 228 4.86 15.42 -8.63
C HIS A 228 4.98 13.99 -8.07
N LEU A 229 4.06 13.11 -8.52
CA LEU A 229 4.10 11.70 -8.14
C LEU A 229 3.96 10.86 -9.43
N GLU A 230 4.78 9.81 -9.51
CA GLU A 230 4.64 8.90 -10.63
C GLU A 230 4.51 7.50 -10.08
N TYR A 231 3.58 6.69 -10.66
CA TYR A 231 3.38 5.27 -10.20
C TYR A 231 3.78 4.28 -11.32
N TYR A 232 4.37 3.15 -10.88
CA TYR A 232 4.90 2.13 -11.73
C TYR A 232 4.39 0.78 -11.23
N ILE A 233 3.84 -0.05 -12.16
CA ILE A 233 3.39 -1.38 -11.86
C ILE A 233 4.19 -2.33 -12.76
N ASN A 234 4.86 -3.33 -12.16
CA ASN A 234 5.60 -4.31 -12.90
C ASN A 234 6.61 -3.66 -13.84
N GLY A 235 7.22 -2.60 -13.35
CA GLY A 235 8.30 -1.94 -14.07
C GLY A 235 7.84 -0.96 -15.14
N LYS A 236 6.54 -0.77 -15.32
CA LYS A 236 6.00 0.06 -16.35
C LYS A 236 5.27 1.25 -15.73
N TRP A 237 5.53 2.40 -16.31
CA TRP A 237 4.80 3.61 -15.93
C TRP A 237 3.29 3.46 -16.11
N VAL A 238 2.47 3.84 -15.13
CA VAL A 238 1.02 3.84 -15.32
C VAL A 238 0.37 5.19 -15.01
N ARG A 239 0.99 6.12 -14.23
CA ARG A 239 0.20 7.27 -13.82
C ARG A 239 1.17 8.34 -13.33
N THR A 240 0.88 9.59 -13.67
CA THR A 240 1.63 10.76 -13.12
C THR A 240 0.60 11.80 -12.68
N LEU A 241 0.82 12.40 -11.52
CA LEU A 241 0.14 13.65 -11.11
C LEU A 241 1.25 14.72 -11.00
N SER A 242 1.03 15.84 -11.67
CA SER A 242 2.07 16.90 -11.75
C SER A 242 1.41 18.28 -11.75
N GLY A 243 1.37 18.91 -10.59
CA GLY A 243 0.70 20.27 -10.49
C GLY A 243 -0.78 20.19 -10.77
N LYS A 244 -1.22 20.81 -11.89
CA LYS A 244 -2.61 20.81 -12.24
C LYS A 244 -2.89 19.75 -13.30
N ASN A 245 -1.87 19.02 -13.74
CA ASN A 245 -1.95 18.08 -14.86
C ASN A 245 -1.80 16.65 -14.30
N TYR A 246 -2.40 15.71 -15.03
CA TYR A 246 -2.16 14.31 -14.66
C TYR A 246 -2.39 13.46 -15.89
N SER A 247 -1.80 12.24 -15.90
CA SER A 247 -1.96 11.38 -17.05
C SER A 247 -1.85 9.94 -16.56
N TYR A 248 -2.38 9.04 -17.36
CA TYR A 248 -2.43 7.63 -16.88
C TYR A 248 -2.80 6.70 -18.03
N LEU A 249 -2.47 5.43 -17.88
CA LEU A 249 -2.95 4.38 -18.84
C LEU A 249 -4.27 3.80 -18.36
N ASP A 250 -5.29 3.87 -19.24
CA ASP A 250 -6.59 3.37 -18.90
C ASP A 250 -6.62 1.85 -19.05
N PRO A 251 -7.73 1.25 -18.77
CA PRO A 251 -7.82 -0.21 -18.70
C PRO A 251 -7.69 -0.88 -20.05
N ASP A 252 -7.84 -0.07 -21.11
CA ASP A 252 -7.65 -0.56 -22.46
C ASP A 252 -6.28 -0.20 -23.00
N GLY A 253 -5.39 0.31 -22.11
CA GLY A 253 -4.04 0.67 -22.52
C GLY A 253 -3.89 2.05 -23.14
N LYS A 254 -4.94 2.84 -23.15
CA LYS A 254 -4.89 4.13 -23.82
C LYS A 254 -4.30 5.16 -22.87
N LEU A 255 -3.47 6.03 -23.43
CA LEU A 255 -2.94 7.13 -22.65
C LEU A 255 -3.96 8.24 -22.53
N ILE A 256 -4.29 8.63 -21.31
CA ILE A 256 -5.20 9.69 -21.04
C ILE A 256 -4.38 10.81 -20.45
N GLU A 257 -4.46 12.02 -21.08
CA GLU A 257 -3.76 13.19 -20.53
C GLU A 257 -4.79 14.26 -20.17
N ALA A 258 -4.75 14.74 -18.94
CA ALA A 258 -5.81 15.58 -18.42
C ALA A 258 -5.18 16.80 -17.74
N SER A 259 -5.97 17.87 -17.70
CA SER A 259 -5.58 19.16 -17.09
C SER A 259 -6.72 19.65 -16.21
N ALA A 260 -6.50 19.87 -14.93
CA ALA A 260 -7.56 20.31 -14.02
C ALA A 260 -7.42 21.82 -13.77
N ASP A 261 -8.50 22.41 -13.21
CA ASP A 261 -8.50 23.85 -12.92
C ASP A 261 -7.96 24.09 -11.52
N PHE A 262 -7.44 23.06 -10.86
CA PHE A 262 -6.93 23.12 -9.50
C PHE A 262 -5.68 22.23 -9.43
N ASN A 263 -4.91 22.41 -8.38
CA ASN A 263 -3.74 21.56 -8.14
C ASN A 263 -4.26 20.17 -7.75
N VAL A 264 -3.82 19.11 -8.43
CA VAL A 264 -4.43 17.77 -8.17
C VAL A 264 -3.76 17.06 -7.00
N LEU A 265 -2.63 17.56 -6.48
CA LEU A 265 -2.04 17.00 -5.26
C LEU A 265 -2.66 17.60 -3.99
N ASP A 266 -3.07 18.86 -4.08
CA ASP A 266 -3.60 19.58 -2.87
C ASP A 266 -4.69 20.55 -3.32
N LYS A 267 -5.84 20.01 -3.61
CA LYS A 267 -6.87 20.73 -4.33
C LYS A 267 -7.35 21.96 -3.53
N TYR A 268 -7.49 21.79 -2.25
CA TYR A 268 -8.13 22.82 -1.39
C TYR A 268 -7.05 23.54 -0.58
N ASN A 269 -5.79 23.36 -0.95
CA ASN A 269 -4.64 24.04 -0.31
C ASN A 269 -4.60 23.81 1.19
N TYR A 270 -4.59 22.56 1.58
CA TYR A 270 -4.41 22.21 2.96
C TYR A 270 -2.94 22.20 3.40
N THR A 271 -1.99 22.44 2.50
CA THR A 271 -0.57 22.39 2.85
C THR A 271 0.04 23.78 2.84
N ASN A 272 -0.83 24.77 2.74
CA ASN A 272 -0.45 26.17 2.70
C ASN A 272 0.60 26.39 1.61
N GLY A 273 0.30 25.91 0.40
CA GLY A 273 1.06 26.12 -0.78
C GLY A 273 2.34 25.27 -0.87
N LYS A 274 2.59 24.36 0.04
CA LYS A 274 3.87 23.61 0.07
C LYS A 274 3.80 22.29 -0.74
N GLY A 275 2.62 21.70 -0.87
CA GLY A 275 2.46 20.36 -1.48
C GLY A 275 2.90 19.26 -0.52
N LEU A 276 3.24 18.09 -1.06
CA LEU A 276 3.58 16.93 -0.22
C LEU A 276 5.05 17.02 0.17
N THR A 277 5.37 17.32 1.43
CA THR A 277 6.75 17.52 1.83
C THR A 277 7.15 16.72 3.04
N LYS A 278 6.23 16.25 3.86
CA LYS A 278 6.62 15.77 5.17
C LYS A 278 7.23 14.37 5.09
N PRO A 279 8.29 14.09 5.82
CA PRO A 279 8.89 12.74 5.79
C PRO A 279 7.85 11.68 6.16
N MET A 280 7.93 10.52 5.48
CA MET A 280 6.95 9.49 5.68
C MET A 280 7.59 8.15 6.06
N LYS A 281 6.86 7.41 6.90
CA LYS A 281 7.20 5.99 7.18
C LYS A 281 6.45 5.13 6.13
N LEU A 282 7.03 3.98 5.83
CA LEU A 282 6.38 3.00 4.95
C LEU A 282 5.60 2.03 5.85
N ILE A 283 4.36 1.72 5.42
CA ILE A 283 3.52 0.80 6.09
C ILE A 283 3.12 -0.29 5.07
N ILE A 284 3.25 -1.54 5.48
CA ILE A 284 2.73 -2.67 4.68
C ILE A 284 1.84 -3.50 5.61
N ASN A 285 0.59 -3.68 5.19
CA ASN A 285 -0.31 -4.37 6.09
C ASN A 285 -1.45 -5.03 5.33
N ILE A 286 -2.16 -5.89 6.06
CA ILE A 286 -3.40 -6.45 5.60
C ILE A 286 -4.51 -6.05 6.59
N GLU A 287 -5.71 -5.91 6.09
CA GLU A 287 -6.81 -5.55 6.97
C GLU A 287 -8.13 -5.99 6.37
N ALA A 288 -9.11 -6.06 7.27
CA ALA A 288 -10.52 -6.31 6.92
C ALA A 288 -11.26 -5.05 7.31
N GLN A 289 -11.54 -4.17 6.38
CA GLN A 289 -12.17 -2.90 6.72
C GLN A 289 -13.67 -3.14 6.98
N ASP A 290 -14.26 -2.25 7.79
CA ASP A 290 -15.66 -2.34 8.17
C ASP A 290 -16.59 -2.52 6.96
N TRP A 291 -16.39 -1.67 5.94
CA TRP A 291 -17.32 -1.63 4.74
C TRP A 291 -17.26 -2.98 3.99
N ASN A 292 -16.06 -3.49 3.86
CA ASN A 292 -15.92 -4.75 3.19
C ASN A 292 -16.49 -5.89 4.05
N ALA A 293 -16.13 -5.93 5.32
CA ALA A 293 -16.53 -7.05 6.16
C ALA A 293 -18.05 -7.11 6.30
N LEU A 294 -18.67 -5.92 6.40
CA LEU A 294 -20.14 -5.92 6.60
C LEU A 294 -20.86 -6.39 5.32
N ALA A 295 -20.19 -6.25 4.20
CA ALA A 295 -20.71 -6.69 2.90
C ALA A 295 -20.51 -8.19 2.66
N GLY A 296 -19.71 -8.89 3.52
CA GLY A 296 -19.42 -10.26 3.34
C GLY A 296 -18.10 -10.49 2.59
N ARG A 297 -17.41 -9.36 2.26
CA ARG A 297 -16.08 -9.43 1.60
C ARG A 297 -15.02 -9.55 2.72
N TYR A 298 -14.93 -10.78 3.17
CA TYR A 298 -14.27 -11.13 4.37
C TYR A 298 -14.00 -12.63 4.33
N PRO A 299 -12.82 -13.15 4.72
CA PRO A 299 -12.59 -14.62 4.50
C PRO A 299 -13.57 -15.51 5.26
N THR A 300 -14.12 -16.46 4.55
CA THR A 300 -14.95 -17.49 5.24
C THR A 300 -14.01 -18.40 6.01
N ASP A 301 -14.58 -19.18 6.97
CA ASP A 301 -13.81 -20.22 7.60
C ASP A 301 -13.29 -21.24 6.58
N GLY A 302 -14.12 -21.60 5.61
CA GLY A 302 -13.72 -22.57 4.58
C GLY A 302 -12.48 -22.09 3.86
N GLU A 303 -12.48 -20.80 3.53
CA GLU A 303 -11.32 -20.22 2.82
C GLU A 303 -10.09 -20.17 3.73
N ILE A 304 -10.20 -19.54 4.88
CA ILE A 304 -9.00 -19.28 5.72
C ILE A 304 -8.42 -20.57 6.29
N TYR A 305 -9.26 -21.55 6.63
CA TYR A 305 -8.74 -22.83 7.12
C TYR A 305 -8.44 -23.79 5.96
N GLY A 306 -9.08 -23.68 4.83
CA GLY A 306 -8.83 -24.58 3.75
C GLY A 306 -7.60 -24.24 2.96
N ARG A 307 -7.30 -22.94 2.84
CA ARG A 307 -6.12 -22.50 2.10
C ARG A 307 -5.33 -21.46 2.92
N PRO A 308 -4.73 -21.89 4.00
CA PRO A 308 -3.97 -20.99 4.88
C PRO A 308 -2.81 -20.28 4.18
N GLU A 309 -2.15 -20.98 3.28
CA GLU A 309 -0.99 -20.38 2.64
C GLU A 309 -1.41 -19.26 1.67
N ASP A 310 -2.63 -19.31 1.16
CA ASP A 310 -3.16 -18.22 0.37
C ASP A 310 -3.56 -16.99 1.21
N HIS A 311 -3.71 -17.14 2.53
CA HIS A 311 -4.16 -16.03 3.35
C HIS A 311 -2.95 -15.30 3.94
N ILE A 312 -1.94 -15.07 3.11
CA ILE A 312 -0.69 -14.44 3.49
C ILE A 312 -0.32 -13.48 2.36
N MET A 313 0.00 -12.29 2.74
CA MET A 313 0.59 -11.29 1.84
C MET A 313 2.10 -11.42 1.97
N LYS A 314 2.81 -11.65 0.88
CA LYS A 314 4.26 -11.94 0.95
C LYS A 314 5.02 -10.75 0.34
N VAL A 315 6.15 -10.40 0.93
CA VAL A 315 6.93 -9.30 0.42
C VAL A 315 8.33 -9.87 0.12
N ASP A 316 8.63 -10.00 -1.18
CA ASP A 316 9.97 -10.52 -1.57
C ASP A 316 11.04 -9.50 -1.27
N TRP A 317 10.76 -8.23 -1.53
CA TRP A 317 11.74 -7.18 -1.25
C TRP A 317 11.05 -5.82 -1.22
N ILE A 318 11.69 -4.88 -0.57
CA ILE A 318 11.38 -3.48 -0.57
C ILE A 318 12.69 -2.79 -0.98
N ARG A 319 12.61 -1.83 -1.89
CA ARG A 319 13.86 -1.05 -2.24
C ARG A 319 13.49 0.41 -2.38
N VAL A 320 14.40 1.25 -1.88
CA VAL A 320 14.26 2.67 -1.88
C VAL A 320 15.53 3.32 -2.47
N TYR A 321 15.33 4.26 -3.36
CA TYR A 321 16.47 4.97 -3.98
C TYR A 321 16.21 6.47 -3.95
N THR A 322 17.32 7.25 -3.84
CA THR A 322 17.31 8.67 -3.98
C THR A 322 18.33 9.04 -5.10
N PRO A 323 18.10 10.16 -5.79
CA PRO A 323 18.91 10.60 -6.92
C PRO A 323 20.22 11.23 -6.41
N GLU A 324 21.30 10.90 -7.14
CA GLU A 324 22.59 11.54 -6.85
C GLU A 324 23.25 11.91 -8.17
N VAL A 325 24.03 12.98 -8.15
CA VAL A 325 24.72 13.34 -9.38
C VAL A 325 25.73 12.22 -9.66
N VAL A 326 25.94 11.98 -10.95
CA VAL A 326 26.95 11.04 -11.37
C VAL A 326 28.33 11.46 -10.84
N THR A 327 29.12 10.43 -10.57
CA THR A 327 30.36 10.62 -9.83
C THR A 327 31.61 10.49 -10.69
N GLY A 328 31.52 10.12 -11.97
CA GLY A 328 32.71 10.03 -12.79
C GLY A 328 33.24 8.62 -12.78
N HIS A 329 34.55 8.46 -12.86
CA HIS A 329 35.15 7.14 -13.17
C HIS A 329 35.23 6.27 -11.90
N HIS A 330 34.86 6.75 -10.74
CA HIS A 330 34.83 5.93 -9.51
C HIS A 330 33.37 5.72 -9.08
#